data_5HYL
#
_entry.id   5HYL
#
_cell.length_a   149.063
_cell.length_b   77.822
_cell.length_c   52.713
_cell.angle_alpha   90.000
_cell.angle_beta   90.000
_cell.angle_gamma   90.000
#
_symmetry.space_group_name_H-M   'P 21 21 2'
#
loop_
_entity.id
_entity.type
_entity.pdbx_description
1 polymer DR2231
2 non-polymer "2'-DEOXYURIDINE 5'-ALPHA,BETA-IMIDO-TRIPHOSPHATE"
3 non-polymer 'MAGNESIUM ION'
4 water water
#
_entity_poly.entity_id   1
_entity_poly.type   'polypeptide(L)'
_entity_poly.pdbx_seq_one_letter_code
;IDPFTMSDLPCPPTNAERLHEFHRAIGAATPERPTPPPPELLRLRQTLLDEASAEVRAEIDHLLARQAAGEALSAGDLAP
LAHELADLLYVTYGALDQLGIDADAVFAEVHRANLSKASGPRRADGKQLKPEGWRPADVRGVIERLQHAPA
;
_entity_poly.pdbx_strand_id   A,B,C,D
#
loop_
_chem_comp.id
_chem_comp.type
_chem_comp.name
_chem_comp.formula
DUP non-polymer '2'-DEOXYURIDINE 5'-ALPHA,BETA-IMIDO-TRIPHOSPHATE' 'C9 H16 N3 O13 P3'
MG non-polymer 'MAGNESIUM ION' 'Mg 2'
#
# COMPACT_ATOMS: atom_id res chain seq x y z
N CYS A 11 21.47 -14.10 -28.11
CA CYS A 11 20.11 -14.10 -27.58
C CYS A 11 19.29 -12.92 -28.11
N PRO A 12 18.09 -13.20 -28.61
CA PRO A 12 17.26 -12.14 -29.17
C PRO A 12 16.88 -11.15 -28.10
N PRO A 13 16.60 -9.90 -28.49
CA PRO A 13 16.25 -8.87 -27.49
C PRO A 13 14.92 -9.19 -26.81
N THR A 14 14.78 -8.66 -25.60
CA THR A 14 13.54 -8.77 -24.84
C THR A 14 12.62 -7.60 -25.15
N ASN A 15 11.36 -7.76 -24.76
CA ASN A 15 10.38 -6.70 -24.98
C ASN A 15 10.76 -5.44 -24.22
N ALA A 16 11.37 -5.57 -23.04
CA ALA A 16 11.87 -4.39 -22.34
C ALA A 16 12.98 -3.71 -23.14
N GLU A 17 13.87 -4.51 -23.72
CA GLU A 17 14.94 -3.92 -24.53
C GLU A 17 14.37 -3.26 -25.76
N ARG A 18 13.27 -3.79 -26.30
CA ARG A 18 12.61 -3.13 -27.43
C ARG A 18 12.13 -1.73 -27.05
N LEU A 19 11.58 -1.57 -25.84
CA LEU A 19 11.15 -0.23 -25.42
C LEU A 19 12.33 0.73 -25.33
N HIS A 20 13.48 0.24 -24.84
CA HIS A 20 14.67 1.08 -24.79
C HIS A 20 15.06 1.55 -26.19
N GLU A 21 15.03 0.63 -27.16
CA GLU A 21 15.30 0.98 -28.55
C GLU A 21 14.29 1.98 -29.08
N PHE A 22 13.00 1.78 -28.77
CA PHE A 22 11.95 2.70 -29.21
C PHE A 22 12.20 4.12 -28.70
N HIS A 23 12.48 4.26 -27.40
CA HIS A 23 12.70 5.60 -26.84
C HIS A 23 13.96 6.24 -27.42
N ARG A 24 15.00 5.46 -27.67
CA ARG A 24 16.18 6.02 -28.32
C ARG A 24 15.83 6.47 -29.73
N ALA A 25 14.95 5.73 -30.42
CA ALA A 25 14.59 6.06 -31.80
C ALA A 25 13.76 7.34 -31.87
N ILE A 26 12.94 7.63 -30.87
CA ILE A 26 12.13 8.85 -30.93
C ILE A 26 12.90 9.99 -30.26
N GLY A 27 14.20 9.82 -30.11
CA GLY A 27 15.04 10.87 -29.57
C GLY A 27 14.77 11.20 -28.11
N ALA A 28 14.07 10.32 -27.40
CA ALA A 28 13.76 10.56 -26.00
C ALA A 28 14.52 9.58 -25.14
N ALA A 29 15.83 9.42 -25.42
CA ALA A 29 16.64 8.40 -24.78
C ALA A 29 16.48 8.45 -23.27
N THR A 30 16.32 7.27 -22.66
CA THR A 30 15.97 7.05 -21.27
C THR A 30 17.18 6.61 -20.46
N PRO A 31 17.19 6.91 -19.15
CA PRO A 31 18.39 6.62 -18.34
C PRO A 31 18.65 5.13 -18.22
N GLU A 32 19.92 4.82 -17.95
CA GLU A 32 20.35 3.43 -17.86
C GLU A 32 20.12 2.81 -16.49
N ARG A 33 19.91 3.62 -15.46
CA ARG A 33 19.75 3.19 -14.07
C ARG A 33 18.56 3.89 -13.46
N PRO A 34 18.01 3.36 -12.36
CA PRO A 34 16.80 3.94 -11.78
C PRO A 34 16.98 5.42 -11.45
N THR A 35 16.01 6.22 -11.90
CA THR A 35 16.11 7.67 -11.89
C THR A 35 14.77 8.26 -11.48
N PRO A 36 14.72 8.96 -10.34
CA PRO A 36 13.46 9.58 -9.91
C PRO A 36 12.96 10.57 -10.96
N PRO A 37 11.68 10.52 -11.27
CA PRO A 37 11.16 11.29 -12.40
C PRO A 37 10.54 12.60 -11.93
N PRO A 38 10.43 13.58 -12.82
CA PRO A 38 9.65 14.77 -12.53
C PRO A 38 8.16 14.45 -12.47
N PRO A 39 7.38 15.28 -11.79
CA PRO A 39 5.94 15.03 -11.70
C PRO A 39 5.26 14.84 -13.04
N GLU A 40 5.58 15.65 -14.04
CA GLU A 40 4.83 15.58 -15.30
C GLU A 40 5.09 14.25 -16.02
N LEU A 41 6.23 13.61 -15.76
CA LEU A 41 6.50 12.31 -16.37
C LEU A 41 5.62 11.23 -15.74
N LEU A 42 5.55 11.19 -14.40
CA LEU A 42 4.63 10.28 -13.72
C LEU A 42 3.20 10.51 -14.20
N ARG A 43 2.77 11.77 -14.31
CA ARG A 43 1.41 12.04 -14.74
C ARG A 43 1.20 11.59 -16.18
N LEU A 44 2.20 11.79 -17.04
CA LEU A 44 2.06 11.33 -18.43
C LEU A 44 1.97 9.81 -18.48
N ARG A 45 2.89 9.13 -17.80
CA ARG A 45 2.85 7.67 -17.80
C ARG A 45 1.54 7.14 -17.23
N GLN A 46 0.99 7.80 -16.21
CA GLN A 46 -0.27 7.35 -15.64
C GLN A 46 -1.40 7.45 -16.65
N THR A 47 -1.49 8.58 -17.36
CA THR A 47 -2.53 8.74 -18.37
C THR A 47 -2.41 7.67 -19.45
N LEU A 48 -1.18 7.40 -19.91
CA LEU A 48 -0.99 6.36 -20.90
C LEU A 48 -1.48 5.01 -20.38
N LEU A 49 -1.14 4.68 -19.13
CA LEU A 49 -1.64 3.43 -18.56
C LEU A 49 -3.17 3.43 -18.50
N ASP A 50 -3.76 4.55 -18.10
CA ASP A 50 -5.20 4.60 -17.92
C ASP A 50 -5.93 4.38 -19.24
N GLU A 51 -5.47 5.05 -20.30
CA GLU A 51 -6.14 4.91 -21.59
C GLU A 51 -5.99 3.50 -22.13
N ALA A 52 -4.79 2.94 -22.02
CA ALA A 52 -4.57 1.56 -22.48
C ALA A 52 -5.39 0.57 -21.68
N SER A 53 -5.46 0.75 -20.36
CA SER A 53 -6.27 -0.13 -19.51
C SER A 53 -7.74 -0.03 -19.89
N ALA A 54 -8.22 1.19 -20.14
CA ALA A 54 -9.62 1.37 -20.51
C ALA A 54 -9.95 0.70 -21.83
N GLU A 55 -9.01 0.73 -22.79
CA GLU A 55 -9.26 0.03 -24.05
C GLU A 55 -9.36 -1.47 -23.84
N VAL A 56 -8.49 -2.03 -23.00
CA VAL A 56 -8.56 -3.46 -22.68
C VAL A 56 -9.85 -3.77 -21.96
N ARG A 57 -10.17 -2.96 -20.94
CA ARG A 57 -11.40 -3.15 -20.18
C ARG A 57 -12.61 -3.13 -21.10
N ALA A 58 -12.67 -2.16 -22.01
CA ALA A 58 -13.82 -2.04 -22.89
C ALA A 58 -13.94 -3.23 -23.82
N GLU A 59 -12.81 -3.72 -24.35
CA GLU A 59 -12.85 -4.86 -25.26
C GLU A 59 -13.25 -6.15 -24.54
N ILE A 60 -12.82 -6.34 -23.29
CA ILE A 60 -13.28 -7.53 -22.56
C ILE A 60 -14.78 -7.45 -22.30
N ASP A 61 -15.28 -6.27 -21.89
CA ASP A 61 -16.71 -6.09 -21.71
C ASP A 61 -17.46 -6.35 -23.00
N HIS A 62 -16.87 -5.91 -24.11
CA HIS A 62 -17.42 -6.14 -25.44
C HIS A 62 -17.58 -7.63 -25.73
N LEU A 63 -16.51 -8.40 -25.49
CA LEU A 63 -16.55 -9.83 -25.76
C LEU A 63 -17.54 -10.55 -24.84
N LEU A 64 -17.60 -10.15 -23.57
CA LEU A 64 -18.55 -10.76 -22.64
C LEU A 64 -19.98 -10.52 -23.07
N ALA A 65 -20.27 -9.32 -23.59
CA ALA A 65 -21.64 -9.03 -24.02
C ALA A 65 -22.01 -9.87 -25.24
N ARG A 66 -21.05 -10.10 -26.14
CA ARG A 66 -21.31 -10.98 -27.26
C ARG A 66 -21.60 -12.40 -26.77
N GLN A 67 -20.83 -12.87 -25.78
CA GLN A 67 -21.09 -14.18 -25.24
C GLN A 67 -22.44 -14.25 -24.54
N ALA A 68 -22.83 -13.17 -23.85
CA ALA A 68 -24.13 -13.16 -23.17
C ALA A 68 -25.28 -13.22 -24.19
N ALA A 69 -25.04 -12.72 -25.39
CA ALA A 69 -26.01 -12.80 -26.48
C ALA A 69 -26.06 -14.17 -27.11
N GLY A 70 -25.16 -15.08 -26.74
CA GLY A 70 -25.14 -16.44 -27.28
C GLY A 70 -24.13 -16.69 -28.36
N GLU A 71 -23.32 -15.70 -28.73
CA GLU A 71 -22.35 -15.90 -29.79
C GLU A 71 -21.19 -16.77 -29.29
N ALA A 72 -20.75 -17.69 -30.13
CA ALA A 72 -19.59 -18.52 -29.85
C ALA A 72 -18.38 -17.83 -30.48
N LEU A 73 -17.49 -17.30 -29.65
CA LEU A 73 -16.33 -16.59 -30.15
C LEU A 73 -15.38 -17.54 -30.87
N SER A 74 -14.67 -16.98 -31.86
CA SER A 74 -13.59 -17.64 -32.56
C SER A 74 -12.25 -17.03 -32.14
N ALA A 75 -11.17 -17.70 -32.52
CA ALA A 75 -9.84 -17.16 -32.22
C ALA A 75 -9.62 -15.83 -32.92
N GLY A 76 -10.10 -15.70 -34.16
CA GLY A 76 -9.98 -14.43 -34.86
C GLY A 76 -10.67 -13.30 -34.14
N ASP A 77 -11.74 -13.60 -33.41
CA ASP A 77 -12.43 -12.58 -32.65
C ASP A 77 -11.56 -11.98 -31.56
N LEU A 78 -10.45 -12.64 -31.22
CA LEU A 78 -9.57 -12.20 -30.14
C LEU A 78 -8.52 -11.19 -30.59
N ALA A 79 -8.41 -10.91 -31.90
CA ALA A 79 -7.34 -10.03 -32.37
C ALA A 79 -7.41 -8.63 -31.76
N PRO A 80 -8.56 -7.96 -31.70
CA PRO A 80 -8.56 -6.64 -31.05
C PRO A 80 -8.11 -6.69 -29.60
N LEU A 81 -8.58 -7.68 -28.82
CA LEU A 81 -8.14 -7.80 -27.43
C LEU A 81 -6.64 -8.04 -27.35
N ALA A 82 -6.12 -8.95 -28.18
CA ALA A 82 -4.67 -9.20 -28.15
C ALA A 82 -3.89 -7.94 -28.51
N HIS A 83 -4.40 -7.16 -29.46
CA HIS A 83 -3.76 -5.91 -29.83
C HIS A 83 -3.76 -4.93 -28.65
N GLU A 84 -4.92 -4.77 -28.00
CA GLU A 84 -4.98 -3.83 -26.87
C GLU A 84 -4.11 -4.30 -25.71
N LEU A 85 -4.07 -5.61 -25.45
CA LEU A 85 -3.19 -6.10 -24.39
C LEU A 85 -1.72 -5.81 -24.72
N ALA A 86 -1.33 -5.98 -25.98
CA ALA A 86 0.03 -5.68 -26.37
C ALA A 86 0.32 -4.18 -26.24
N ASP A 87 -0.67 -3.33 -26.56
CA ASP A 87 -0.48 -1.90 -26.36
C ASP A 87 -0.27 -1.57 -24.88
N LEU A 88 -0.99 -2.27 -24.00
CA LEU A 88 -0.81 -2.10 -22.57
C LEU A 88 0.59 -2.54 -22.13
N LEU A 89 1.06 -3.68 -22.63
CA LEU A 89 2.47 -4.04 -22.43
C LEU A 89 3.40 -2.90 -22.84
N TYR A 90 3.14 -2.31 -24.01
CA TYR A 90 4.03 -1.29 -24.54
C TYR A 90 4.14 -0.10 -23.59
N VAL A 91 3.01 0.37 -23.05
CA VAL A 91 3.09 1.53 -22.18
C VAL A 91 3.50 1.15 -20.77
N THR A 92 3.38 -0.12 -20.39
CA THR A 92 3.83 -0.53 -19.05
C THR A 92 5.35 -0.69 -19.04
N TYR A 93 5.87 -1.45 -20.01
CA TYR A 93 7.31 -1.46 -20.22
C TYR A 93 7.83 -0.04 -20.42
N GLY A 94 7.07 0.78 -21.14
CA GLY A 94 7.53 2.14 -21.38
C GLY A 94 7.71 2.93 -20.11
N ALA A 95 6.83 2.72 -19.13
CA ALA A 95 6.98 3.43 -17.86
C ALA A 95 8.22 2.97 -17.12
N LEU A 96 8.45 1.65 -17.05
CA LEU A 96 9.66 1.16 -16.40
C LEU A 96 10.90 1.70 -17.09
N ASP A 97 10.92 1.72 -18.42
CA ASP A 97 12.10 2.19 -19.15
C ASP A 97 12.37 3.66 -18.86
N GLN A 98 11.32 4.48 -18.83
CA GLN A 98 11.51 5.91 -18.57
C GLN A 98 11.94 6.18 -17.14
N LEU A 99 11.63 5.27 -16.22
CA LEU A 99 12.14 5.35 -14.85
C LEU A 99 13.57 4.87 -14.74
N GLY A 100 14.14 4.34 -15.83
CA GLY A 100 15.47 3.79 -15.80
C GLY A 100 15.57 2.44 -15.14
N ILE A 101 14.46 1.68 -15.06
CA ILE A 101 14.40 0.44 -14.30
C ILE A 101 14.33 -0.73 -15.30
N ASP A 102 15.30 -1.64 -15.21
CA ASP A 102 15.31 -2.86 -16.00
C ASP A 102 14.07 -3.69 -15.66
N ALA A 103 13.11 -3.75 -16.58
CA ALA A 103 11.86 -4.45 -16.30
C ALA A 103 12.09 -5.95 -16.13
N ASP A 104 13.06 -6.51 -16.85
CA ASP A 104 13.29 -7.94 -16.78
C ASP A 104 13.82 -8.35 -15.42
N ALA A 105 14.70 -7.53 -14.83
CA ALA A 105 15.22 -7.85 -13.51
C ALA A 105 14.10 -7.83 -12.47
N VAL A 106 13.20 -6.84 -12.54
CA VAL A 106 12.09 -6.80 -11.60
C VAL A 106 11.14 -7.95 -11.87
N PHE A 107 10.87 -8.22 -13.14
CA PHE A 107 9.89 -9.23 -13.49
C PHE A 107 10.35 -10.61 -13.03
N ALA A 108 11.64 -10.91 -13.14
CA ALA A 108 12.17 -12.19 -12.69
C ALA A 108 11.97 -12.38 -11.19
N GLU A 109 12.15 -11.32 -10.41
CA GLU A 109 11.93 -11.40 -8.97
C GLU A 109 10.46 -11.62 -8.64
N VAL A 110 9.56 -10.89 -9.31
CA VAL A 110 8.13 -11.08 -9.11
C VAL A 110 7.73 -12.49 -9.55
N HIS A 111 8.27 -12.97 -10.66
CA HIS A 111 7.90 -14.30 -11.17
C HIS A 111 8.26 -15.39 -10.17
N ARG A 112 9.45 -15.29 -9.57
CA ARG A 112 9.86 -16.31 -8.61
C ARG A 112 8.92 -16.33 -7.41
N ALA A 113 8.48 -15.15 -6.96
CA ALA A 113 7.56 -15.11 -5.84
C ALA A 113 6.15 -15.52 -6.25
N ASN A 114 5.85 -15.54 -7.54
CA ASN A 114 4.54 -16.06 -7.94
C ASN A 114 4.55 -17.58 -8.11
N LEU A 115 5.64 -18.16 -8.61
CA LEU A 115 5.75 -19.62 -8.65
C LEU A 115 5.61 -20.24 -7.27
N SER A 116 6.09 -19.53 -6.24
CA SER A 116 6.01 -20.06 -4.89
C SER A 116 4.60 -20.07 -4.33
N LYS A 117 3.62 -19.54 -5.06
CA LYS A 117 2.23 -19.59 -4.60
C LYS A 117 1.52 -20.87 -5.00
N ALA A 118 2.19 -21.79 -5.71
CA ALA A 118 1.47 -22.85 -6.42
C ALA A 118 0.73 -23.78 -5.46
N SER A 119 1.20 -23.92 -4.24
CA SER A 119 0.51 -24.81 -3.30
C SER A 119 -0.67 -24.13 -2.60
N GLY A 120 -0.89 -22.84 -2.84
CA GLY A 120 -1.98 -22.15 -2.19
C GLY A 120 -3.31 -22.52 -2.78
N PRO A 121 -4.38 -22.08 -2.12
CA PRO A 121 -5.73 -22.31 -2.63
C PRO A 121 -6.10 -21.29 -3.71
N ARG A 122 -7.24 -21.52 -4.33
CA ARG A 122 -7.79 -20.62 -5.33
C ARG A 122 -9.04 -19.94 -4.83
N ARG A 123 -9.20 -18.69 -5.25
CA ARG A 123 -10.43 -17.94 -5.10
C ARG A 123 -11.49 -18.52 -6.03
N ALA A 124 -12.75 -18.23 -5.69
CA ALA A 124 -13.85 -18.77 -6.48
C ALA A 124 -13.76 -18.36 -7.94
N ASP A 125 -13.24 -17.16 -8.24
CA ASP A 125 -13.13 -16.74 -9.63
C ASP A 125 -11.89 -17.29 -10.33
N GLY A 126 -11.07 -18.06 -9.63
CA GLY A 126 -9.90 -18.69 -10.22
C GLY A 126 -8.59 -18.06 -9.82
N LYS A 127 -8.63 -16.93 -9.11
CA LYS A 127 -7.38 -16.27 -8.73
C LYS A 127 -6.56 -17.16 -7.80
N GLN A 128 -5.28 -17.29 -8.11
CA GLN A 128 -4.36 -18.01 -7.24
C GLN A 128 -4.09 -17.22 -5.97
N LEU A 129 -4.28 -17.85 -4.81
CA LEU A 129 -4.03 -17.21 -3.53
C LEU A 129 -2.76 -17.77 -2.90
N LYS A 130 -2.36 -17.16 -1.80
CA LYS A 130 -1.04 -17.45 -1.25
C LYS A 130 -1.12 -18.56 -0.20
N PRO A 131 -0.19 -19.51 -0.24
CA PRO A 131 -0.15 -20.54 0.79
C PRO A 131 0.38 -19.97 2.10
N GLU A 132 0.21 -20.78 3.16
CA GLU A 132 0.78 -20.47 4.46
C GLU A 132 2.27 -20.18 4.37
N GLY A 133 2.69 -19.10 5.01
CA GLY A 133 4.09 -18.74 5.14
C GLY A 133 4.72 -18.08 3.93
N TRP A 134 3.94 -17.78 2.89
CA TRP A 134 4.48 -17.18 1.68
C TRP A 134 5.21 -15.87 1.99
N ARG A 135 6.27 -15.61 1.22
CA ARG A 135 7.14 -14.44 1.34
C ARG A 135 7.12 -13.63 0.04
N PRO A 136 7.06 -12.30 0.13
CA PRO A 136 6.96 -11.47 -1.08
C PRO A 136 8.27 -11.34 -1.86
N ALA A 137 8.12 -10.93 -3.12
CA ALA A 137 9.27 -10.52 -3.93
C ALA A 137 9.97 -9.35 -3.25
N ASP A 138 11.30 -9.32 -3.36
CA ASP A 138 12.10 -8.24 -2.79
C ASP A 138 12.54 -7.32 -3.92
N VAL A 139 11.62 -6.44 -4.34
CA VAL A 139 11.94 -5.55 -5.45
C VAL A 139 12.84 -4.40 -4.98
N ARG A 140 12.77 -4.01 -3.70
CA ARG A 140 13.73 -3.05 -3.17
C ARG A 140 15.16 -3.52 -3.44
N GLY A 141 15.43 -4.79 -3.19
CA GLY A 141 16.75 -5.33 -3.47
C GLY A 141 17.12 -5.32 -4.95
N VAL A 142 16.14 -5.57 -5.83
CA VAL A 142 16.44 -5.49 -7.25
C VAL A 142 16.79 -4.06 -7.64
N ILE A 143 16.05 -3.09 -7.11
CA ILE A 143 16.36 -1.69 -7.45
C ILE A 143 17.75 -1.34 -6.96
N GLU A 144 18.10 -1.75 -5.73
CA GLU A 144 19.44 -1.49 -5.23
C GLU A 144 20.50 -2.15 -6.10
N ARG A 145 20.22 -3.37 -6.58
CA ARG A 145 21.12 -4.03 -7.51
C ARG A 145 21.29 -3.22 -8.79
N LEU A 146 20.19 -2.68 -9.31
CA LEU A 146 20.24 -1.94 -10.56
C LEU A 146 20.95 -0.60 -10.38
N GLN A 147 20.73 0.07 -9.25
CA GLN A 147 21.31 1.39 -9.05
C GLN A 147 22.82 1.33 -8.92
N HIS A 148 23.31 0.40 -8.12
CA HIS A 148 24.75 0.30 -7.87
C HIS A 148 25.36 -0.70 -8.85
N ALA A 149 26.69 -0.85 -8.78
CA ALA A 149 27.46 -1.57 -9.79
C ALA A 149 27.13 -1.08 -11.20
N CYS B 11 2.43 -3.80 37.17
CA CYS B 11 2.44 -2.64 36.27
C CYS B 11 1.02 -2.13 36.05
N PRO B 12 0.84 -0.82 36.09
CA PRO B 12 -0.49 -0.24 35.90
C PRO B 12 -1.04 -0.59 34.52
N PRO B 13 -2.37 -0.59 34.37
CA PRO B 13 -2.96 -1.02 33.09
C PRO B 13 -2.62 -0.05 31.96
N THR B 14 -2.48 -0.59 30.76
CA THR B 14 -2.24 0.26 29.61
C THR B 14 -3.56 0.71 29.00
N ASN B 15 -3.48 1.67 28.09
CA ASN B 15 -4.69 2.16 27.45
C ASN B 15 -5.33 1.09 26.59
N ALA B 16 -4.52 0.23 25.98
CA ALA B 16 -5.05 -0.91 25.24
C ALA B 16 -5.81 -1.83 26.18
N GLU B 17 -5.26 -2.08 27.37
CA GLU B 17 -5.94 -2.94 28.33
C GLU B 17 -7.23 -2.30 28.82
N ARG B 18 -7.27 -0.97 28.88
CA ARG B 18 -8.49 -0.29 29.25
C ARG B 18 -9.59 -0.52 28.22
N LEU B 19 -9.25 -0.52 26.92
CA LEU B 19 -10.29 -0.80 25.92
C LEU B 19 -10.82 -2.22 26.08
N HIS B 20 -9.94 -3.17 26.41
CA HIS B 20 -10.39 -4.55 26.63
C HIS B 20 -11.38 -4.61 27.78
N GLU B 21 -11.13 -3.84 28.84
CA GLU B 21 -12.05 -3.81 29.99
C GLU B 21 -13.34 -3.08 29.62
N PHE B 22 -13.24 -2.02 28.82
CA PHE B 22 -14.43 -1.33 28.36
C PHE B 22 -15.36 -2.24 27.58
N HIS B 23 -14.82 -2.97 26.60
CA HIS B 23 -15.65 -3.84 25.78
C HIS B 23 -16.26 -4.95 26.62
N ARG B 24 -15.52 -5.48 27.60
CA ARG B 24 -16.10 -6.44 28.53
C ARG B 24 -17.22 -5.81 29.36
N ALA B 25 -16.98 -4.59 29.86
CA ALA B 25 -17.96 -3.92 30.71
C ALA B 25 -19.28 -3.66 30.00
N ILE B 26 -19.26 -3.46 28.68
CA ILE B 26 -20.51 -3.20 27.98
C ILE B 26 -21.10 -4.50 27.48
N GLY B 27 -20.56 -5.63 27.92
CA GLY B 27 -21.08 -6.93 27.52
C GLY B 27 -20.77 -7.30 26.08
N ALA B 28 -19.67 -6.81 25.54
CA ALA B 28 -19.24 -7.13 24.18
C ALA B 28 -17.79 -7.60 24.20
N ALA B 29 -17.49 -8.56 25.06
CA ALA B 29 -16.12 -9.06 25.23
C ALA B 29 -15.52 -9.45 23.89
N THR B 30 -14.28 -9.03 23.67
CA THR B 30 -13.54 -9.17 22.42
C THR B 30 -12.55 -10.32 22.53
N PRO B 31 -12.08 -10.84 21.38
CA PRO B 31 -11.19 -12.00 21.41
C PRO B 31 -9.83 -11.70 22.03
N GLU B 32 -9.20 -12.75 22.57
CA GLU B 32 -7.88 -12.60 23.16
C GLU B 32 -6.75 -12.76 22.15
N ARG B 33 -7.04 -13.23 20.95
CA ARG B 33 -6.05 -13.49 19.91
C ARG B 33 -6.53 -12.89 18.60
N PRO B 34 -5.61 -12.62 17.66
CA PRO B 34 -6.01 -12.00 16.39
C PRO B 34 -7.11 -12.78 15.70
N THR B 35 -8.15 -12.07 15.31
CA THR B 35 -9.38 -12.70 14.80
C THR B 35 -9.94 -11.94 13.63
N PRO B 36 -10.05 -12.57 12.45
CA PRO B 36 -10.59 -11.88 11.27
C PRO B 36 -12.00 -11.39 11.50
N PRO B 37 -12.29 -10.14 11.17
CA PRO B 37 -13.59 -9.57 11.47
C PRO B 37 -14.56 -9.77 10.32
N PRO B 38 -15.85 -9.62 10.57
CA PRO B 38 -16.82 -9.54 9.48
C PRO B 38 -16.76 -8.18 8.83
N PRO B 39 -17.30 -8.03 7.61
CA PRO B 39 -17.20 -6.72 6.93
C PRO B 39 -17.91 -5.61 7.66
N GLU B 40 -19.07 -5.89 8.26
CA GLU B 40 -19.77 -4.83 8.96
C GLU B 40 -18.96 -4.29 10.14
N LEU B 41 -18.09 -5.12 10.71
CA LEU B 41 -17.24 -4.63 11.80
C LEU B 41 -16.20 -3.64 11.27
N LEU B 42 -15.55 -3.99 10.16
CA LEU B 42 -14.59 -3.07 9.54
C LEU B 42 -15.27 -1.76 9.14
N ARG B 43 -16.45 -1.84 8.54
CA ARG B 43 -17.13 -0.62 8.11
C ARG B 43 -17.49 0.25 9.30
N LEU B 44 -17.93 -0.37 10.40
CA LEU B 44 -18.27 0.39 11.59
C LEU B 44 -17.04 1.03 12.21
N ARG B 45 -15.95 0.29 12.32
CA ARG B 45 -14.75 0.88 12.90
C ARG B 45 -14.20 1.99 12.03
N GLN B 46 -14.33 1.85 10.71
CA GLN B 46 -13.91 2.91 9.80
C GLN B 46 -14.70 4.19 10.06
N THR B 47 -16.03 4.07 10.19
CA THR B 47 -16.85 5.25 10.46
C THR B 47 -16.48 5.90 11.79
N LEU B 48 -16.23 5.09 12.81
CA LEU B 48 -15.82 5.65 14.09
C LEU B 48 -14.52 6.44 13.96
N LEU B 49 -13.55 5.92 13.19
CA LEU B 49 -12.31 6.66 12.98
C LEU B 49 -12.56 7.95 12.22
N ASP B 50 -13.40 7.91 11.18
CA ASP B 50 -13.64 9.11 10.38
C ASP B 50 -14.28 10.21 11.20
N GLU B 51 -15.28 9.87 12.02
CA GLU B 51 -15.96 10.88 12.82
C GLU B 51 -15.04 11.46 13.89
N ALA B 52 -14.23 10.62 14.53
CA ALA B 52 -13.30 11.11 15.53
C ALA B 52 -12.23 12.00 14.88
N SER B 53 -11.73 11.60 13.72
CA SER B 53 -10.73 12.40 13.01
C SER B 53 -11.29 13.76 12.61
N ALA B 54 -12.57 13.80 12.22
CA ALA B 54 -13.20 15.07 11.86
C ALA B 54 -13.31 16.00 13.06
N GLU B 55 -13.60 15.45 14.25
CA GLU B 55 -13.67 16.26 15.45
C GLU B 55 -12.29 16.80 15.82
N VAL B 56 -11.25 16.00 15.62
CA VAL B 56 -9.90 16.50 15.83
C VAL B 56 -9.58 17.62 14.84
N ARG B 57 -9.84 17.37 13.55
CA ARG B 57 -9.57 18.39 12.53
C ARG B 57 -10.27 19.71 12.86
N ALA B 58 -11.53 19.63 13.31
CA ALA B 58 -12.27 20.83 13.69
C ALA B 58 -11.59 21.58 14.84
N GLU B 59 -11.07 20.86 15.84
CA GLU B 59 -10.41 21.56 16.93
C GLU B 59 -9.07 22.14 16.48
N ILE B 60 -8.34 21.43 15.61
CA ILE B 60 -7.08 21.98 15.11
C ILE B 60 -7.34 23.24 14.30
N ASP B 61 -8.27 23.15 13.33
CA ASP B 61 -8.65 24.29 12.51
C ASP B 61 -9.01 25.50 13.36
N HIS B 62 -9.79 25.29 14.41
CA HIS B 62 -10.23 26.38 15.26
C HIS B 62 -9.05 27.05 15.97
N LEU B 63 -8.16 26.25 16.55
CA LEU B 63 -6.97 26.81 17.20
C LEU B 63 -6.12 27.59 16.20
N LEU B 64 -5.95 27.04 15.00
CA LEU B 64 -5.18 27.75 13.96
C LEU B 64 -5.87 29.06 13.58
N ALA B 65 -7.19 29.05 13.45
CA ALA B 65 -7.90 30.27 13.09
C ALA B 65 -7.79 31.33 14.19
N ARG B 66 -7.86 30.91 15.46
CA ARG B 66 -7.63 31.86 16.55
C ARG B 66 -6.23 32.46 16.46
N GLN B 67 -5.23 31.62 16.21
CA GLN B 67 -3.87 32.12 16.06
C GLN B 67 -3.76 33.06 14.86
N ALA B 68 -4.41 32.71 13.75
CA ALA B 68 -4.36 33.57 12.57
C ALA B 68 -4.98 34.94 12.86
N ALA B 69 -5.97 34.99 13.75
CA ALA B 69 -6.61 36.21 14.23
C ALA B 69 -5.74 37.00 15.18
N GLY B 70 -4.55 36.52 15.50
CA GLY B 70 -3.67 37.19 16.43
C GLY B 70 -3.89 36.83 17.88
N GLU B 71 -4.79 35.89 18.17
CA GLU B 71 -5.05 35.52 19.55
C GLU B 71 -3.91 34.67 20.10
N ALA B 72 -3.57 34.89 21.37
CA ALA B 72 -2.59 34.08 22.06
C ALA B 72 -3.32 32.93 22.75
N LEU B 73 -2.82 31.72 22.59
CA LEU B 73 -3.45 30.53 23.15
C LEU B 73 -2.90 30.23 24.54
N SER B 74 -3.80 29.81 25.44
CA SER B 74 -3.43 29.32 26.76
C SER B 74 -3.41 27.79 26.76
N ALA B 75 -2.84 27.22 27.82
CA ALA B 75 -2.85 25.77 27.96
C ALA B 75 -4.28 25.26 28.08
N GLY B 76 -5.14 25.98 28.81
CA GLY B 76 -6.53 25.59 28.92
C GLY B 76 -7.27 25.61 27.60
N ASP B 77 -6.84 26.45 26.66
CA ASP B 77 -7.44 26.46 25.33
C ASP B 77 -7.22 25.17 24.59
N LEU B 78 -6.24 24.36 25.03
CA LEU B 78 -5.94 23.09 24.38
C LEU B 78 -6.85 21.95 24.83
N ALA B 79 -7.69 22.16 25.85
CA ALA B 79 -8.51 21.08 26.37
C ALA B 79 -9.42 20.43 25.32
N PRO B 80 -10.16 21.17 24.49
CA PRO B 80 -11.01 20.47 23.50
C PRO B 80 -10.19 19.64 22.52
N LEU B 81 -9.06 20.16 22.05
CA LEU B 81 -8.21 19.39 21.14
C LEU B 81 -7.70 18.13 21.82
N ALA B 82 -7.17 18.27 23.04
CA ALA B 82 -6.68 17.12 23.78
C ALA B 82 -7.78 16.10 24.01
N HIS B 83 -9.00 16.56 24.34
CA HIS B 83 -10.13 15.66 24.51
C HIS B 83 -10.40 14.86 23.23
N GLU B 84 -10.45 15.54 22.09
CA GLU B 84 -10.78 14.86 20.83
C GLU B 84 -9.65 13.94 20.38
N LEU B 85 -8.40 14.31 20.66
CA LEU B 85 -7.28 13.40 20.39
C LEU B 85 -7.40 12.13 21.21
N ALA B 86 -7.79 12.25 22.47
CA ALA B 86 -7.97 11.06 23.30
C ALA B 86 -9.18 10.24 22.83
N ASP B 87 -10.24 10.91 22.38
CA ASP B 87 -11.37 10.15 21.81
C ASP B 87 -10.91 9.37 20.58
N LEU B 88 -10.03 9.95 19.77
CA LEU B 88 -9.50 9.23 18.62
C LEU B 88 -8.64 8.04 19.06
N LEU B 89 -7.81 8.23 20.07
CA LEU B 89 -7.13 7.08 20.68
C LEU B 89 -8.13 6.00 21.09
N TYR B 90 -9.25 6.41 21.70
CA TYR B 90 -10.22 5.44 22.21
C TYR B 90 -10.77 4.56 21.09
N VAL B 91 -11.13 5.13 19.94
CA VAL B 91 -11.65 4.31 18.84
C VAL B 91 -10.55 3.63 18.03
N THR B 92 -9.30 4.11 18.06
CA THR B 92 -8.25 3.39 17.35
C THR B 92 -7.82 2.16 18.13
N TYR B 93 -7.53 2.33 19.42
CA TYR B 93 -7.40 1.18 20.31
C TYR B 93 -8.64 0.29 20.25
N GLY B 94 -9.83 0.89 20.18
CA GLY B 94 -11.05 0.08 20.09
C GLY B 94 -11.04 -0.86 18.90
N ALA B 95 -10.60 -0.37 17.75
CA ALA B 95 -10.53 -1.20 16.56
C ALA B 95 -9.54 -2.35 16.75
N LEU B 96 -8.34 -2.05 17.27
CA LEU B 96 -7.36 -3.12 17.47
C LEU B 96 -7.89 -4.17 18.44
N ASP B 97 -8.57 -3.72 19.50
CA ASP B 97 -9.09 -4.66 20.50
C ASP B 97 -10.15 -5.57 19.90
N GLN B 98 -11.00 -5.01 19.02
CA GLN B 98 -12.03 -5.82 18.38
C GLN B 98 -11.45 -6.80 17.36
N LEU B 99 -10.27 -6.51 16.81
CA LEU B 99 -9.56 -7.47 15.98
C LEU B 99 -8.83 -8.52 16.80
N GLY B 100 -8.84 -8.43 18.12
CA GLY B 100 -8.12 -9.40 18.92
C GLY B 100 -6.62 -9.18 18.96
N ILE B 101 -6.16 -7.99 18.59
CA ILE B 101 -4.74 -7.70 18.40
C ILE B 101 -4.26 -6.83 19.54
N ASP B 102 -3.27 -7.33 20.28
CA ASP B 102 -2.58 -6.60 21.35
C ASP B 102 -1.92 -5.36 20.78
N ALA B 103 -2.52 -4.19 21.04
CA ALA B 103 -2.01 -2.94 20.47
C ALA B 103 -0.62 -2.62 21.00
N ASP B 104 -0.32 -2.96 22.25
CA ASP B 104 0.98 -2.61 22.81
C ASP B 104 2.11 -3.38 22.15
N ALA B 105 1.86 -4.65 21.81
CA ALA B 105 2.87 -5.44 21.11
C ALA B 105 3.18 -4.86 19.75
N VAL B 106 2.14 -4.46 19.00
CA VAL B 106 2.35 -3.87 17.68
C VAL B 106 3.02 -2.51 17.82
N PHE B 107 2.55 -1.70 18.75
CA PHE B 107 3.10 -0.36 18.96
C PHE B 107 4.58 -0.43 19.33
N ALA B 108 4.95 -1.35 20.21
CA ALA B 108 6.35 -1.44 20.61
C ALA B 108 7.26 -1.69 19.40
N GLU B 109 6.80 -2.49 18.45
CA GLU B 109 7.63 -2.79 17.28
C GLU B 109 7.64 -1.62 16.29
N VAL B 110 6.49 -0.96 16.10
CA VAL B 110 6.47 0.28 15.32
C VAL B 110 7.39 1.32 15.93
N HIS B 111 7.37 1.44 17.27
CA HIS B 111 8.23 2.41 17.95
C HIS B 111 9.71 2.12 17.71
N ARG B 112 10.10 0.85 17.81
CA ARG B 112 11.49 0.47 17.58
C ARG B 112 11.95 0.98 16.22
N ALA B 113 11.14 0.74 15.18
CA ALA B 113 11.51 1.16 13.84
C ALA B 113 11.46 2.67 13.69
N ASN B 114 10.59 3.36 14.43
CA ASN B 114 10.60 4.82 14.35
C ASN B 114 11.83 5.43 15.01
N LEU B 115 12.28 4.86 16.13
CA LEU B 115 13.51 5.34 16.75
C LEU B 115 14.70 5.24 15.79
N SER B 116 14.73 4.23 14.94
CA SER B 116 15.84 4.09 14.02
C SER B 116 15.80 5.12 12.87
N LYS B 117 14.83 6.03 12.86
CA LYS B 117 14.76 7.07 11.84
C LYS B 117 15.55 8.31 12.23
N ALA B 118 16.06 8.37 13.46
CA ALA B 118 16.46 9.67 14.00
C ALA B 118 17.60 10.30 13.22
N SER B 119 18.41 9.51 12.52
CA SER B 119 19.49 10.08 11.73
C SER B 119 19.06 10.57 10.36
N GLY B 120 17.79 10.38 9.99
CA GLY B 120 17.31 10.82 8.69
C GLY B 120 17.05 12.31 8.64
N PRO B 121 16.83 12.83 7.44
CA PRO B 121 16.53 14.25 7.27
C PRO B 121 15.08 14.53 7.62
N ARG B 122 14.74 15.82 7.59
CA ARG B 122 13.38 16.27 7.84
C ARG B 122 12.77 16.93 6.62
N ARG B 123 11.46 16.74 6.49
CA ARG B 123 10.66 17.45 5.50
C ARG B 123 10.48 18.91 5.94
N ALA B 124 10.15 19.78 4.97
CA ALA B 124 10.03 21.21 5.29
C ALA B 124 9.01 21.49 6.39
N ASP B 125 7.93 20.69 6.46
CA ASP B 125 6.92 20.88 7.49
C ASP B 125 7.34 20.25 8.82
N GLY B 126 8.50 19.61 8.90
CA GLY B 126 9.00 19.05 10.14
C GLY B 126 8.90 17.54 10.24
N LYS B 127 8.27 16.89 9.26
CA LYS B 127 8.13 15.44 9.34
C LYS B 127 9.49 14.75 9.28
N GLN B 128 9.70 13.80 10.19
CA GLN B 128 10.91 12.98 10.19
C GLN B 128 10.88 12.01 9.02
N LEU B 129 11.95 12.00 8.23
CA LEU B 129 12.07 11.10 7.09
C LEU B 129 13.09 10.03 7.40
N LYS B 130 13.17 9.03 6.50
CA LYS B 130 13.99 7.86 6.82
C LYS B 130 15.42 8.03 6.34
N PRO B 131 16.39 7.59 7.14
CA PRO B 131 17.79 7.58 6.69
C PRO B 131 18.03 6.46 5.70
N GLU B 132 19.19 6.52 5.04
CA GLU B 132 19.55 5.44 4.15
C GLU B 132 19.71 4.16 4.94
N GLY B 133 19.25 3.05 4.35
CA GLY B 133 19.37 1.76 4.99
C GLY B 133 18.26 1.43 5.98
N TRP B 134 17.29 2.32 6.16
CA TRP B 134 16.23 2.08 7.14
C TRP B 134 15.42 0.85 6.75
N ARG B 135 15.00 0.12 7.77
CA ARG B 135 14.25 -1.12 7.70
C ARG B 135 12.91 -0.99 8.42
N PRO B 136 11.84 -1.50 7.84
CA PRO B 136 10.52 -1.32 8.44
C PRO B 136 10.26 -2.29 9.59
N ALA B 137 9.31 -1.89 10.43
CA ALA B 137 8.85 -2.75 11.52
C ALA B 137 8.26 -4.04 10.96
N ASP B 138 8.42 -5.14 11.71
CA ASP B 138 7.95 -6.45 11.27
C ASP B 138 6.66 -6.76 12.05
N VAL B 139 5.56 -6.14 11.60
CA VAL B 139 4.30 -6.32 12.31
C VAL B 139 3.71 -7.70 12.04
N ARG B 140 3.97 -8.26 10.84
CA ARG B 140 3.61 -9.66 10.62
C ARG B 140 4.19 -10.56 11.71
N GLY B 141 5.47 -10.36 12.05
CA GLY B 141 6.08 -11.13 13.13
C GLY B 141 5.37 -10.94 14.46
N VAL B 142 4.89 -9.73 14.75
CA VAL B 142 4.13 -9.54 15.97
C VAL B 142 2.82 -10.32 15.90
N ILE B 143 2.09 -10.20 14.78
CA ILE B 143 0.81 -10.89 14.67
C ILE B 143 1.03 -12.40 14.76
N GLU B 144 2.11 -12.90 14.15
CA GLU B 144 2.43 -14.32 14.24
C GLU B 144 2.68 -14.74 15.68
N ARG B 145 3.52 -13.98 16.39
CA ARG B 145 3.77 -14.18 17.81
C ARG B 145 2.48 -14.23 18.62
N LEU B 146 1.61 -13.23 18.44
CA LEU B 146 0.37 -13.18 19.20
C LEU B 146 -0.53 -14.37 18.89
N GLN B 147 -0.52 -14.85 17.64
CA GLN B 147 -1.31 -16.03 17.28
C GLN B 147 -0.86 -17.28 18.02
N HIS B 148 0.46 -17.48 18.10
CA HIS B 148 1.04 -18.75 18.53
C HIS B 148 1.41 -18.77 20.01
N ALA B 149 1.15 -17.72 20.77
CA ALA B 149 1.59 -17.65 22.15
C ALA B 149 0.72 -18.52 23.08
N ILE C 1 19.21 -32.33 -28.43
CA ILE C 1 20.58 -32.68 -28.07
C ILE C 1 20.83 -34.18 -28.33
N ASP C 2 22.11 -34.55 -28.39
CA ASP C 2 22.51 -35.91 -28.71
C ASP C 2 23.93 -36.12 -28.17
N PRO C 3 24.59 -37.26 -28.41
CA PRO C 3 25.95 -37.43 -27.85
C PRO C 3 26.96 -36.40 -28.32
N PHE C 4 26.67 -35.65 -29.39
CA PHE C 4 27.60 -34.62 -29.87
C PHE C 4 27.51 -33.33 -29.08
N THR C 5 26.44 -33.14 -28.30
CA THR C 5 26.23 -31.92 -27.53
C THR C 5 27.20 -31.87 -26.36
N MET C 6 28.15 -30.93 -26.39
CA MET C 6 29.09 -30.75 -25.30
C MET C 6 28.74 -29.58 -24.39
N SER C 7 27.94 -28.63 -24.85
CA SER C 7 27.39 -27.58 -24.01
C SER C 7 26.00 -27.25 -24.51
N ASP C 8 25.08 -26.97 -23.56
CA ASP C 8 23.68 -26.68 -23.87
C ASP C 8 23.25 -25.49 -23.01
N LEU C 9 23.61 -24.29 -23.47
CA LEU C 9 23.25 -23.07 -22.76
C LEU C 9 22.09 -22.41 -23.48
N PRO C 10 20.89 -22.38 -22.91
CA PRO C 10 19.76 -21.74 -23.58
C PRO C 10 19.68 -20.26 -23.26
N CYS C 11 19.04 -19.53 -24.18
CA CYS C 11 18.72 -18.14 -23.90
C CYS C 11 17.69 -18.07 -22.78
N PRO C 12 17.79 -17.05 -21.93
CA PRO C 12 16.85 -16.93 -20.80
C PRO C 12 15.41 -16.96 -21.28
N PRO C 13 14.49 -17.45 -20.47
CA PRO C 13 13.08 -17.43 -20.88
C PRO C 13 12.58 -16.00 -20.97
N THR C 14 11.65 -15.77 -21.90
CA THR C 14 11.05 -14.45 -21.94
C THR C 14 9.97 -14.35 -20.86
N ASN C 15 9.54 -13.11 -20.61
CA ASN C 15 8.53 -12.90 -19.60
C ASN C 15 7.22 -13.59 -19.98
N ALA C 16 6.90 -13.64 -21.27
CA ALA C 16 5.72 -14.39 -21.71
C ALA C 16 5.86 -15.87 -21.43
N GLU C 17 7.04 -16.43 -21.73
CA GLU C 17 7.29 -17.83 -21.43
C GLU C 17 7.21 -18.10 -19.93
N ARG C 18 7.60 -17.14 -19.11
CA ARG C 18 7.46 -17.29 -17.66
C ARG C 18 6.00 -17.47 -17.27
N LEU C 19 5.09 -16.71 -17.91
CA LEU C 19 3.68 -16.87 -17.57
C LEU C 19 3.19 -18.28 -17.85
N HIS C 20 3.63 -18.87 -18.96
CA HIS C 20 3.29 -20.26 -19.25
C HIS C 20 3.75 -21.18 -18.14
N GLU C 21 4.98 -20.98 -17.65
CA GLU C 21 5.48 -21.79 -16.55
C GLU C 21 4.61 -21.63 -15.30
N PHE C 22 4.22 -20.38 -15.00
CA PHE C 22 3.39 -20.12 -13.82
C PHE C 22 2.02 -20.80 -13.94
N HIS C 23 1.38 -20.65 -15.10
CA HIS C 23 0.06 -21.25 -15.23
C HIS C 23 0.14 -22.78 -15.23
N ARG C 24 1.16 -23.36 -15.86
CA ARG C 24 1.37 -24.81 -15.75
C ARG C 24 1.55 -25.22 -14.28
N ALA C 25 2.30 -24.43 -13.52
CA ALA C 25 2.54 -24.78 -12.12
C ALA C 25 1.28 -24.72 -11.27
N ILE C 26 0.36 -23.79 -11.54
CA ILE C 26 -0.80 -23.65 -10.69
C ILE C 26 -2.02 -24.37 -11.25
N GLY C 27 -1.89 -25.00 -12.41
CA GLY C 27 -2.99 -25.74 -12.99
C GLY C 27 -3.99 -24.88 -13.72
N ALA C 28 -3.60 -23.68 -14.13
CA ALA C 28 -4.46 -22.78 -14.90
C ALA C 28 -4.31 -23.05 -16.39
N ALA C 29 -5.38 -22.79 -17.14
CA ALA C 29 -5.37 -23.04 -18.56
C ALA C 29 -4.30 -22.23 -19.24
N THR C 30 -3.51 -22.87 -20.10
CA THR C 30 -2.44 -22.18 -20.81
C THR C 30 -2.25 -22.87 -22.17
N PRO C 31 -3.19 -22.64 -23.09
CA PRO C 31 -3.16 -23.37 -24.37
C PRO C 31 -1.97 -22.98 -25.21
N GLU C 32 -1.54 -23.93 -26.05
CA GLU C 32 -0.42 -23.66 -26.96
C GLU C 32 -0.81 -22.68 -28.05
N ARG C 33 -2.06 -22.70 -28.50
CA ARG C 33 -2.47 -21.91 -29.64
C ARG C 33 -3.70 -21.08 -29.29
N PRO C 34 -3.99 -20.05 -30.09
CA PRO C 34 -5.12 -19.16 -29.79
C PRO C 34 -6.42 -19.93 -29.57
N THR C 35 -7.07 -19.65 -28.47
CA THR C 35 -8.21 -20.45 -28.03
C THR C 35 -9.31 -19.53 -27.51
N PRO C 36 -10.49 -19.55 -28.09
CA PRO C 36 -11.58 -18.72 -27.59
C PRO C 36 -11.85 -19.04 -26.13
N PRO C 37 -12.00 -18.03 -25.29
CA PRO C 37 -12.06 -18.26 -23.84
C PRO C 37 -13.47 -18.41 -23.36
N PRO C 38 -13.70 -19.18 -22.31
CA PRO C 38 -14.97 -19.13 -21.61
C PRO C 38 -15.15 -17.79 -20.95
N PRO C 39 -16.39 -17.36 -20.72
CA PRO C 39 -16.60 -16.06 -20.07
C PRO C 39 -15.98 -15.97 -18.70
N GLU C 40 -15.91 -17.08 -17.96
CA GLU C 40 -15.29 -17.04 -16.64
C GLU C 40 -13.83 -16.65 -16.73
N LEU C 41 -13.15 -17.07 -17.79
CA LEU C 41 -11.75 -16.68 -17.99
C LEU C 41 -11.65 -15.18 -18.27
N LEU C 42 -12.50 -14.67 -19.17
CA LEU C 42 -12.48 -13.23 -19.45
C LEU C 42 -12.75 -12.42 -18.19
N ARG C 43 -13.72 -12.85 -17.37
CA ARG C 43 -14.03 -12.12 -16.15
C ARG C 43 -12.84 -12.08 -15.20
N LEU C 44 -12.14 -13.22 -15.05
CA LEU C 44 -10.96 -13.22 -14.17
C LEU C 44 -9.89 -12.29 -14.69
N ARG C 45 -9.59 -12.37 -15.99
CA ARG C 45 -8.51 -11.53 -16.52
C ARG C 45 -8.83 -10.06 -16.30
N GLN C 46 -10.10 -9.69 -16.49
CA GLN C 46 -10.55 -8.33 -16.23
C GLN C 46 -10.30 -7.95 -14.78
N THR C 47 -10.72 -8.81 -13.85
CA THR C 47 -10.54 -8.55 -12.43
C THR C 47 -9.08 -8.34 -12.07
N LEU C 48 -8.19 -9.21 -12.57
CA LEU C 48 -6.77 -9.10 -12.25
C LEU C 48 -6.17 -7.83 -12.87
N LEU C 49 -6.62 -7.47 -14.07
CA LEU C 49 -6.14 -6.24 -14.71
C LEU C 49 -6.62 -5.01 -13.95
N ASP C 50 -7.86 -5.01 -13.49
CA ASP C 50 -8.36 -3.91 -12.66
C ASP C 50 -7.61 -3.81 -11.34
N GLU C 51 -7.40 -4.96 -10.68
CA GLU C 51 -6.65 -4.98 -9.43
C GLU C 51 -5.26 -4.38 -9.62
N ALA C 52 -4.55 -4.82 -10.66
CA ALA C 52 -3.17 -4.38 -10.85
C ALA C 52 -3.11 -2.91 -11.24
N SER C 53 -4.02 -2.45 -12.09
CA SER C 53 -3.96 -1.04 -12.49
C SER C 53 -4.29 -0.11 -11.33
N ALA C 54 -5.16 -0.54 -10.42
CA ALA C 54 -5.46 0.26 -9.24
C ALA C 54 -4.25 0.37 -8.33
N GLU C 55 -3.46 -0.69 -8.20
CA GLU C 55 -2.28 -0.63 -7.35
C GLU C 55 -1.19 0.24 -7.96
N VAL C 56 -1.04 0.20 -9.28
CA VAL C 56 -0.09 1.11 -9.93
C VAL C 56 -0.48 2.56 -9.67
N ARG C 57 -1.76 2.87 -9.88
CA ARG C 57 -2.24 4.24 -9.65
C ARG C 57 -1.98 4.69 -8.21
N ALA C 58 -2.19 3.80 -7.24
CA ALA C 58 -1.97 4.18 -5.85
C ALA C 58 -0.50 4.52 -5.58
N GLU C 59 0.43 3.81 -6.22
CA GLU C 59 1.83 4.11 -5.98
C GLU C 59 2.28 5.37 -6.72
N ILE C 60 1.79 5.58 -7.95
CA ILE C 60 2.10 6.84 -8.63
C ILE C 60 1.61 8.02 -7.79
N ASP C 61 0.37 7.92 -7.29
CA ASP C 61 -0.18 8.97 -6.42
C ASP C 61 0.69 9.20 -5.19
N HIS C 62 1.11 8.12 -4.51
CA HIS C 62 1.98 8.28 -3.35
CA HIS C 62 1.99 8.26 -3.36
C HIS C 62 3.25 9.04 -3.72
N LEU C 63 3.85 8.72 -4.86
CA LEU C 63 5.05 9.40 -5.29
C LEU C 63 4.78 10.88 -5.54
N LEU C 64 3.68 11.18 -6.21
CA LEU C 64 3.37 12.59 -6.50
C LEU C 64 3.14 13.37 -5.21
N ALA C 65 2.41 12.76 -4.26
CA ALA C 65 2.12 13.42 -2.98
C ALA C 65 3.41 13.69 -2.19
N ARG C 66 4.29 12.70 -2.10
CA ARG C 66 5.56 12.93 -1.40
C ARG C 66 6.36 14.01 -2.09
N GLN C 67 6.56 13.87 -3.40
CA GLN C 67 7.31 14.83 -4.20
C GLN C 67 6.86 16.25 -3.93
N ALA C 68 5.55 16.45 -3.82
CA ALA C 68 5.00 17.79 -3.66
C ALA C 68 5.44 18.42 -2.35
N ALA C 69 5.62 17.64 -1.29
CA ALA C 69 5.94 18.21 0.01
C ALA C 69 7.43 18.36 0.22
N GLY C 70 8.22 18.30 -0.83
CA GLY C 70 9.62 18.56 -0.67
C GLY C 70 10.45 17.34 -0.41
N GLU C 71 9.82 16.21 -0.15
CA GLU C 71 10.52 14.97 -0.38
C GLU C 71 10.86 14.98 -1.86
N ALA C 72 12.13 14.88 -2.16
CA ALA C 72 12.57 14.63 -3.51
C ALA C 72 12.84 13.14 -3.57
N LEU C 73 12.12 12.46 -4.48
CA LEU C 73 12.17 11.02 -4.54
C LEU C 73 13.60 10.53 -4.76
N SER C 74 13.93 9.41 -4.12
CA SER C 74 15.17 8.71 -4.38
C SER C 74 14.90 7.49 -5.25
N ALA C 75 15.97 6.77 -5.64
CA ALA C 75 15.81 5.60 -6.50
C ALA C 75 15.12 4.47 -5.77
N GLY C 76 15.55 4.17 -4.54
CA GLY C 76 14.87 3.17 -3.73
C GLY C 76 13.41 3.45 -3.51
N ASP C 77 13.01 4.73 -3.59
CA ASP C 77 11.60 5.07 -3.45
C ASP C 77 10.77 4.61 -4.65
N LEU C 78 11.41 4.23 -5.76
CA LEU C 78 10.70 3.72 -6.92
C LEU C 78 10.37 2.24 -6.80
N ALA C 79 10.88 1.57 -5.77
CA ALA C 79 10.72 0.11 -5.70
C ALA C 79 9.27 -0.33 -5.62
N PRO C 80 8.38 0.28 -4.82
CA PRO C 80 6.96 -0.16 -4.85
C PRO C 80 6.30 0.04 -6.20
N LEU C 81 6.49 1.20 -6.83
CA LEU C 81 5.93 1.40 -8.17
C LEU C 81 6.45 0.37 -9.16
N ALA C 82 7.76 0.11 -9.13
CA ALA C 82 8.33 -0.87 -10.04
C ALA C 82 7.71 -2.24 -9.81
N HIS C 83 7.50 -2.61 -8.54
CA HIS C 83 6.85 -3.87 -8.22
C HIS C 83 5.44 -3.92 -8.81
N GLU C 84 4.67 -2.85 -8.60
CA GLU C 84 3.30 -2.81 -9.13
C GLU C 84 3.28 -2.80 -10.64
N LEU C 85 4.23 -2.10 -11.28
CA LEU C 85 4.30 -2.13 -12.74
C LEU C 85 4.63 -3.52 -13.24
N ALA C 86 5.50 -4.23 -12.53
CA ALA C 86 5.81 -5.59 -12.91
C ALA C 86 4.61 -6.51 -12.70
N ASP C 87 3.79 -6.26 -11.67
CA ASP C 87 2.57 -7.02 -11.48
C ASP C 87 1.58 -6.76 -12.62
N LEU C 88 1.54 -5.52 -13.13
CA LEU C 88 0.67 -5.22 -14.24
C LEU C 88 1.14 -5.92 -15.52
N LEU C 89 2.45 -5.88 -15.82
CA LEU C 89 2.99 -6.76 -16.85
C LEU C 89 2.54 -8.20 -16.64
N TYR C 90 2.66 -8.68 -15.40
CA TYR C 90 2.41 -10.11 -15.12
C TYR C 90 1.00 -10.52 -15.50
N VAL C 91 0.00 -9.69 -15.16
CA VAL C 91 -1.38 -10.07 -15.46
C VAL C 91 -1.77 -9.72 -16.90
N THR C 92 -1.02 -8.83 -17.56
CA THR C 92 -1.27 -8.57 -18.98
C THR C 92 -0.74 -9.72 -19.82
N TYR C 93 0.52 -10.11 -19.58
CA TYR C 93 1.03 -11.35 -20.16
C TYR C 93 0.13 -12.52 -19.80
N GLY C 94 -0.37 -12.53 -18.57
CA GLY C 94 -1.19 -13.65 -18.11
C GLY C 94 -2.47 -13.81 -18.91
N ALA C 95 -3.07 -12.69 -19.32
CA ALA C 95 -4.27 -12.78 -20.15
C ALA C 95 -3.94 -13.33 -21.52
N LEU C 96 -2.85 -12.87 -22.14
CA LEU C 96 -2.48 -13.40 -23.45
C LEU C 96 -2.17 -14.90 -23.37
N ASP C 97 -1.43 -15.31 -22.33
CA ASP C 97 -1.09 -16.72 -22.19
C ASP C 97 -2.33 -17.59 -22.01
N GLN C 98 -3.32 -17.13 -21.24
CA GLN C 98 -4.53 -17.96 -21.07
C GLN C 98 -5.36 -18.00 -22.34
N LEU C 99 -5.25 -16.99 -23.19
CA LEU C 99 -5.86 -17.03 -24.52
C LEU C 99 -5.09 -17.90 -25.50
N GLY C 100 -3.96 -18.47 -25.10
CA GLY C 100 -3.16 -19.27 -26.00
C GLY C 100 -2.44 -18.45 -27.04
N ILE C 101 -2.29 -17.15 -26.80
CA ILE C 101 -1.71 -16.21 -27.75
C ILE C 101 -0.29 -15.90 -27.31
N ASP C 102 0.68 -16.23 -28.16
CA ASP C 102 2.09 -15.91 -27.93
C ASP C 102 2.27 -14.40 -27.82
N ALA C 103 2.47 -13.90 -26.59
CA ALA C 103 2.54 -12.46 -26.38
C ALA C 103 3.76 -11.86 -27.06
N ASP C 104 4.85 -12.64 -27.19
CA ASP C 104 6.04 -12.12 -27.84
C ASP C 104 5.79 -11.88 -29.33
N ALA C 105 5.05 -12.77 -29.98
CA ALA C 105 4.73 -12.59 -31.39
C ALA C 105 3.87 -11.35 -31.61
N VAL C 106 2.86 -11.14 -30.75
CA VAL C 106 2.00 -9.97 -30.89
C VAL C 106 2.79 -8.70 -30.56
N PHE C 107 3.57 -8.74 -29.49
CA PHE C 107 4.38 -7.57 -29.14
C PHE C 107 5.33 -7.21 -30.28
N ALA C 108 5.97 -8.22 -30.88
CA ALA C 108 6.93 -7.94 -31.93
C ALA C 108 6.27 -7.17 -33.08
N GLU C 109 5.04 -7.54 -33.41
CA GLU C 109 4.34 -6.83 -34.48
C GLU C 109 3.96 -5.42 -34.06
N VAL C 110 3.53 -5.24 -32.81
CA VAL C 110 3.24 -3.89 -32.34
C VAL C 110 4.51 -3.05 -32.30
N HIS C 111 5.62 -3.64 -31.85
CA HIS C 111 6.90 -2.93 -31.86
C HIS C 111 7.33 -2.59 -33.29
N ARG C 112 7.21 -3.56 -34.22
CA ARG C 112 7.56 -3.27 -35.62
C ARG C 112 6.87 -2.01 -36.12
N ALA C 113 5.55 -1.92 -35.91
CA ALA C 113 4.82 -0.75 -36.40
C ALA C 113 5.24 0.51 -35.66
N ASN C 114 5.37 0.44 -34.33
CA ASN C 114 5.75 1.63 -33.57
C ASN C 114 7.15 2.11 -33.96
N LEU C 115 8.11 1.18 -34.01
CA LEU C 115 9.48 1.56 -34.37
C LEU C 115 9.55 2.09 -35.80
N SER C 116 8.82 1.45 -36.72
CA SER C 116 8.74 1.98 -38.07
C SER C 116 8.15 3.38 -38.08
N LYS C 117 7.08 3.61 -37.32
CA LYS C 117 6.45 4.92 -37.30
C LYS C 117 7.41 6.00 -36.83
N ALA C 118 8.34 5.66 -35.95
CA ALA C 118 9.30 6.64 -35.45
C ALA C 118 10.24 7.15 -36.54
N SER C 119 10.29 6.50 -37.71
CA SER C 119 11.06 7.01 -38.85
C SER C 119 10.34 8.09 -39.63
N GLY C 120 9.10 8.41 -39.28
CA GLY C 120 8.39 9.47 -39.94
C GLY C 120 8.78 10.83 -39.40
N PRO C 121 8.25 11.88 -40.04
CA PRO C 121 8.45 13.25 -39.57
C PRO C 121 7.64 13.55 -38.31
N GLN C 128 3.72 12.74 -33.92
CA GLN C 128 4.51 11.87 -34.77
C GLN C 128 3.74 11.45 -36.02
N LEU C 129 4.28 11.77 -37.19
CA LEU C 129 3.67 11.43 -38.46
C LEU C 129 4.31 10.17 -39.02
N LYS C 130 3.61 9.55 -39.96
CA LYS C 130 4.00 8.25 -40.49
C LYS C 130 5.04 8.39 -41.60
N PRO C 131 5.94 7.42 -41.73
CA PRO C 131 6.81 7.40 -42.90
C PRO C 131 6.05 6.92 -44.13
N GLU C 132 6.66 7.14 -45.28
CA GLU C 132 6.09 6.60 -46.52
C GLU C 132 6.07 5.09 -46.47
N GLY C 133 4.95 4.50 -46.89
CA GLY C 133 4.82 3.06 -46.91
C GLY C 133 4.62 2.40 -45.57
N TRP C 134 4.34 3.19 -44.52
CA TRP C 134 4.15 2.63 -43.20
C TRP C 134 2.98 1.67 -43.20
N ARG C 135 3.10 0.58 -42.45
CA ARG C 135 1.97 -0.31 -42.29
C ARG C 135 1.70 -0.52 -40.81
N PRO C 136 0.46 -0.30 -40.36
CA PRO C 136 0.13 -0.51 -38.94
C PRO C 136 0.30 -1.96 -38.54
N ALA C 137 0.27 -2.17 -37.22
CA ALA C 137 0.35 -3.52 -36.67
C ALA C 137 -0.80 -4.38 -37.19
N ASP C 138 -0.47 -5.53 -37.74
CA ASP C 138 -1.47 -6.48 -38.22
C ASP C 138 -1.55 -7.61 -37.20
N VAL C 139 -2.24 -7.32 -36.09
CA VAL C 139 -2.34 -8.33 -35.05
C VAL C 139 -3.24 -9.48 -35.49
N ARG C 140 -4.26 -9.18 -36.30
CA ARG C 140 -5.09 -10.26 -36.84
C ARG C 140 -4.24 -11.28 -37.59
N GLY C 141 -3.31 -10.80 -38.42
CA GLY C 141 -2.42 -11.72 -39.14
C GLY C 141 -1.53 -12.54 -38.22
N VAL C 142 -1.04 -11.93 -37.13
CA VAL C 142 -0.27 -12.69 -36.16
C VAL C 142 -1.11 -13.81 -35.55
N ILE C 143 -2.35 -13.51 -35.15
CA ILE C 143 -3.21 -14.53 -34.54
C ILE C 143 -3.45 -15.68 -35.53
N GLU C 144 -3.69 -15.34 -36.80
CA GLU C 144 -3.90 -16.37 -37.83
C GLU C 144 -2.68 -17.28 -37.95
N ARG C 145 -1.48 -16.69 -38.01
CA ARG C 145 -0.27 -17.49 -38.16
C ARG C 145 0.02 -18.31 -36.92
N LEU C 146 -0.35 -17.80 -35.73
CA LEU C 146 -0.17 -18.60 -34.53
C LEU C 146 -1.08 -19.82 -34.54
N GLN C 147 -2.26 -19.73 -35.16
CA GLN C 147 -3.19 -20.86 -35.24
C GLN C 147 -2.64 -22.00 -36.08
N HIS C 148 -1.67 -21.74 -36.95
CA HIS C 148 -1.13 -22.73 -37.87
C HIS C 148 0.30 -23.13 -37.57
N ALA C 149 0.84 -22.73 -36.42
CA ALA C 149 2.24 -22.99 -36.10
C ALA C 149 2.45 -24.47 -35.81
N PRO C 150 3.72 -24.93 -35.89
CA PRO C 150 4.19 -26.21 -35.35
C PRO C 150 3.81 -26.41 -33.88
N ILE D 1 18.88 9.07 35.07
CA ILE D 1 19.60 7.92 35.60
C ILE D 1 20.73 8.36 36.53
N ASP D 2 21.14 7.46 37.41
CA ASP D 2 22.13 7.73 38.45
C ASP D 2 22.65 6.38 38.94
N PRO D 3 23.54 6.32 39.94
CA PRO D 3 24.06 5.01 40.37
C PRO D 3 23.02 4.00 40.81
N PHE D 4 21.80 4.44 41.15
CA PHE D 4 20.75 3.53 41.59
C PHE D 4 20.00 2.88 40.43
N THR D 5 20.23 3.32 39.20
CA THR D 5 19.51 2.79 38.06
C THR D 5 19.96 1.38 37.75
N MET D 6 19.00 0.46 37.63
CA MET D 6 19.30 -0.94 37.39
C MET D 6 18.87 -1.34 35.99
N SER D 7 19.54 -2.37 35.45
CA SER D 7 19.61 -2.57 34.00
C SER D 7 18.24 -2.75 33.37
N ASP D 8 17.31 -3.42 34.04
CA ASP D 8 16.06 -3.86 33.44
C ASP D 8 14.88 -3.16 34.09
N LEU D 9 14.03 -2.57 33.27
CA LEU D 9 12.87 -1.83 33.78
C LEU D 9 11.86 -2.79 34.38
N PRO D 10 11.32 -2.51 35.57
CA PRO D 10 10.20 -3.32 36.07
C PRO D 10 8.99 -3.30 35.16
N CYS D 11 8.65 -2.13 34.60
CA CYS D 11 7.50 -1.98 33.74
C CYS D 11 7.91 -1.36 32.41
N PRO D 12 7.29 -1.78 31.30
CA PRO D 12 7.61 -1.17 30.03
C PRO D 12 7.08 0.25 29.97
N PRO D 13 7.70 1.12 29.17
CA PRO D 13 7.14 2.45 28.97
C PRO D 13 5.74 2.35 28.37
N THR D 14 4.91 3.33 28.67
CA THR D 14 3.62 3.39 28.00
C THR D 14 3.82 3.91 26.59
N ASN D 15 2.80 3.73 25.76
CA ASN D 15 2.89 4.25 24.39
C ASN D 15 3.06 5.77 24.38
N ALA D 16 2.43 6.48 25.32
CA ALA D 16 2.65 7.92 25.42
C ALA D 16 4.09 8.25 25.79
N GLU D 17 4.67 7.50 26.73
CA GLU D 17 6.07 7.73 27.09
C GLU D 17 7.00 7.42 25.93
N ARG D 18 6.65 6.44 25.08
CA ARG D 18 7.47 6.15 23.91
C ARG D 18 7.53 7.35 22.97
N LEU D 19 6.42 8.08 22.83
CA LEU D 19 6.44 9.25 21.95
C LEU D 19 7.40 10.31 22.47
N HIS D 20 7.47 10.50 23.79
CA HIS D 20 8.43 11.45 24.33
C HIS D 20 9.86 11.03 23.97
N GLU D 21 10.14 9.72 24.07
CA GLU D 21 11.47 9.22 23.70
C GLU D 21 11.76 9.49 22.23
N PHE D 22 10.79 9.21 21.35
CA PHE D 22 10.99 9.42 19.92
C PHE D 22 11.26 10.88 19.61
N HIS D 23 10.45 11.77 20.17
CA HIS D 23 10.64 13.18 19.87
C HIS D 23 11.96 13.70 20.41
N ARG D 24 12.38 13.24 21.59
CA ARG D 24 13.73 13.56 22.08
C ARG D 24 14.79 13.11 21.10
N ALA D 25 14.64 11.89 20.58
CA ALA D 25 15.66 11.31 19.72
C ALA D 25 15.80 12.09 18.42
N ILE D 26 14.70 12.61 17.89
CA ILE D 26 14.74 13.29 16.60
C ILE D 26 14.82 14.81 16.73
N GLY D 27 14.82 15.33 17.96
CA GLY D 27 14.96 16.76 18.18
C GLY D 27 13.70 17.56 18.00
N ALA D 28 12.53 16.94 18.13
CA ALA D 28 11.27 17.66 17.98
C ALA D 28 10.76 18.11 19.34
N ALA D 29 9.98 19.18 19.36
CA ALA D 29 9.47 19.72 20.62
C ALA D 29 8.68 18.65 21.37
N THR D 30 8.97 18.52 22.67
CA THR D 30 8.26 17.58 23.53
C THR D 30 8.28 18.13 24.95
N PRO D 31 7.49 19.16 25.20
CA PRO D 31 7.53 19.84 26.51
C PRO D 31 7.05 18.92 27.63
N GLU D 32 7.52 19.22 28.84
CA GLU D 32 7.04 18.47 30.00
C GLU D 32 5.59 18.81 30.33
N ARG D 33 5.21 20.08 30.22
CA ARG D 33 3.90 20.53 30.67
C ARG D 33 3.10 21.12 29.52
N PRO D 34 1.76 21.22 29.66
CA PRO D 34 0.93 21.74 28.57
C PRO D 34 1.39 23.10 28.07
N THR D 35 1.61 23.19 26.77
CA THR D 35 2.31 24.31 26.16
C THR D 35 1.60 24.72 24.88
N PRO D 36 1.02 25.91 24.80
CA PRO D 36 0.36 26.34 23.58
C PRO D 36 1.34 26.31 22.43
N PRO D 37 0.95 25.73 21.31
CA PRO D 37 1.91 25.44 20.24
C PRO D 37 1.92 26.54 19.21
N PRO D 38 3.02 26.67 18.47
CA PRO D 38 3.02 27.52 17.28
C PRO D 38 2.17 26.90 16.19
N PRO D 39 1.73 27.72 15.22
CA PRO D 39 0.87 27.19 14.14
C PRO D 39 1.52 26.10 13.32
N GLU D 40 2.84 26.20 13.12
CA GLU D 40 3.54 25.20 12.31
C GLU D 40 3.45 23.82 12.93
N LEU D 41 3.40 23.74 14.26
CA LEU D 41 3.23 22.44 14.92
C LEU D 41 1.84 21.88 14.65
N LEU D 42 0.81 22.71 14.83
CA LEU D 42 -0.56 22.24 14.60
C LEU D 42 -0.74 21.77 13.17
N ARG D 43 -0.15 22.50 12.22
CA ARG D 43 -0.26 22.10 10.81
C ARG D 43 0.39 20.74 10.58
N LEU D 44 1.59 20.54 11.14
CA LEU D 44 2.24 19.24 10.98
C LEU D 44 1.40 18.12 11.62
N ARG D 45 0.89 18.35 12.83
CA ARG D 45 0.11 17.30 13.48
C ARG D 45 -1.10 16.93 12.63
N GLN D 46 -1.75 17.93 12.02
CA GLN D 46 -2.88 17.64 11.14
C GLN D 46 -2.44 16.80 9.94
N THR D 47 -1.32 17.17 9.34
CA THR D 47 -0.85 16.46 8.16
C THR D 47 -0.52 15.01 8.49
N LEU D 48 0.14 14.77 9.63
CA LEU D 48 0.48 13.40 10.01
C LEU D 48 -0.78 12.59 10.30
N LEU D 49 -1.79 13.22 10.91
CA LEU D 49 -3.05 12.53 11.16
C LEU D 49 -3.74 12.16 9.86
N ASP D 50 -3.71 13.07 8.89
CA ASP D 50 -4.35 12.78 7.61
C ASP D 50 -3.62 11.68 6.87
N GLU D 51 -2.27 11.70 6.87
CA GLU D 51 -1.50 10.65 6.21
C GLU D 51 -1.81 9.29 6.82
N ALA D 52 -1.82 9.22 8.16
CA ALA D 52 -2.06 7.93 8.82
C ALA D 52 -3.49 7.47 8.58
N SER D 53 -4.45 8.41 8.65
CA SER D 53 -5.85 8.06 8.46
C SER D 53 -6.08 7.51 7.05
N ALA D 54 -5.41 8.09 6.06
CA ALA D 54 -5.56 7.64 4.68
C ALA D 54 -5.05 6.22 4.51
N GLU D 55 -3.96 5.88 5.19
CA GLU D 55 -3.38 4.55 5.06
C GLU D 55 -4.24 3.51 5.74
N VAL D 56 -4.83 3.85 6.89
CA VAL D 56 -5.79 2.93 7.53
C VAL D 56 -6.96 2.68 6.59
N ARG D 57 -7.54 3.75 6.05
CA ARG D 57 -8.66 3.62 5.12
C ARG D 57 -8.27 2.73 3.93
N ALA D 58 -7.07 2.93 3.40
CA ALA D 58 -6.62 2.09 2.28
C ALA D 58 -6.60 0.62 2.68
N GLU D 59 -6.16 0.31 3.91
CA GLU D 59 -6.04 -1.09 4.28
C GLU D 59 -7.39 -1.69 4.65
N ILE D 60 -8.29 -0.91 5.25
CA ILE D 60 -9.64 -1.41 5.48
C ILE D 60 -10.31 -1.68 4.14
N ASP D 61 -10.21 -0.74 3.21
CA ASP D 61 -10.76 -0.94 1.86
C ASP D 61 -10.21 -2.21 1.20
N HIS D 62 -8.90 -2.45 1.33
CA HIS D 62 -8.31 -3.64 0.74
CA HIS D 62 -8.30 -3.65 0.75
C HIS D 62 -8.91 -4.90 1.34
N LEU D 63 -9.05 -4.94 2.67
CA LEU D 63 -9.66 -6.09 3.31
C LEU D 63 -11.11 -6.26 2.87
N LEU D 64 -11.88 -5.17 2.82
CA LEU D 64 -13.28 -5.24 2.40
C LEU D 64 -13.38 -5.73 0.96
N ALA D 65 -12.54 -5.20 0.08
CA ALA D 65 -12.55 -5.62 -1.32
C ALA D 65 -12.17 -7.09 -1.44
N ARG D 66 -11.22 -7.56 -0.64
CA ARG D 66 -10.88 -8.98 -0.67
C ARG D 66 -12.07 -9.83 -0.25
N GLN D 67 -12.84 -9.34 0.73
CA GLN D 67 -14.06 -10.03 1.12
C GLN D 67 -15.12 -9.92 0.02
N ALA D 68 -15.33 -8.71 -0.52
CA ALA D 68 -16.30 -8.53 -1.59
C ALA D 68 -15.90 -9.25 -2.87
N ALA D 69 -14.62 -9.57 -3.04
CA ALA D 69 -14.16 -10.34 -4.18
C ALA D 69 -14.16 -11.85 -3.93
N GLY D 70 -14.44 -12.28 -2.70
CA GLY D 70 -14.64 -13.70 -2.46
C GLY D 70 -13.83 -14.32 -1.35
N GLU D 71 -12.84 -13.59 -0.85
CA GLU D 71 -11.86 -14.19 0.05
C GLU D 71 -12.33 -14.15 1.49
N ALA D 72 -11.85 -15.11 2.27
CA ALA D 72 -12.05 -15.16 3.71
C ALA D 72 -10.71 -14.82 4.37
N LEU D 73 -10.67 -13.68 5.06
CA LEU D 73 -9.42 -13.22 5.63
C LEU D 73 -9.01 -14.12 6.78
N SER D 74 -7.70 -14.31 6.91
CA SER D 74 -7.10 -14.99 8.05
C SER D 74 -6.55 -13.97 9.04
N ALA D 75 -5.89 -14.47 10.08
CA ALA D 75 -5.29 -13.59 11.09
C ALA D 75 -4.02 -12.92 10.58
N GLY D 76 -3.18 -13.67 9.84
CA GLY D 76 -2.02 -13.06 9.22
C GLY D 76 -2.38 -11.92 8.29
N ASP D 77 -3.55 -11.99 7.66
CA ASP D 77 -3.99 -10.93 6.77
C ASP D 77 -4.17 -9.60 7.47
N LEU D 78 -4.26 -9.59 8.80
CA LEU D 78 -4.55 -8.36 9.52
C LEU D 78 -3.31 -7.54 9.82
N ALA D 79 -2.12 -8.09 9.53
CA ALA D 79 -0.89 -7.40 9.90
C ALA D 79 -0.76 -6.01 9.26
N PRO D 80 -1.01 -5.82 7.96
CA PRO D 80 -0.95 -4.45 7.42
C PRO D 80 -1.91 -3.48 8.09
N LEU D 81 -3.18 -3.88 8.31
CA LEU D 81 -4.11 -3.02 9.03
C LEU D 81 -3.62 -2.74 10.46
N ALA D 82 -3.12 -3.77 11.15
CA ALA D 82 -2.62 -3.56 12.51
C ALA D 82 -1.48 -2.56 12.51
N HIS D 83 -0.58 -2.68 11.54
CA HIS D 83 0.53 -1.74 11.41
C HIS D 83 0.01 -0.32 11.20
N GLU D 84 -0.97 -0.14 10.31
CA GLU D 84 -1.46 1.22 10.05
C GLU D 84 -2.24 1.78 11.24
N LEU D 85 -2.97 0.94 11.95
CA LEU D 85 -3.67 1.43 13.14
C LEU D 85 -2.68 1.88 14.20
N ALA D 86 -1.57 1.15 14.36
CA ALA D 86 -0.55 1.57 15.31
C ALA D 86 0.13 2.87 14.88
N ASP D 87 0.32 3.08 13.56
CA ASP D 87 0.82 4.37 13.08
C ASP D 87 -0.14 5.50 13.42
N LEU D 88 -1.45 5.23 13.31
CA LEU D 88 -2.42 6.23 13.70
C LEU D 88 -2.35 6.52 15.19
N LEU D 89 -2.26 5.49 16.03
CA LEU D 89 -1.96 5.74 17.45
C LEU D 89 -0.72 6.60 17.59
N TYR D 90 0.33 6.26 16.84
CA TYR D 90 1.62 6.91 17.01
C TYR D 90 1.51 8.42 16.77
N VAL D 91 0.82 8.83 15.70
CA VAL D 91 0.72 10.25 15.41
C VAL D 91 -0.33 10.97 16.25
N THR D 92 -1.28 10.23 16.83
CA THR D 92 -2.24 10.83 17.76
C THR D 92 -1.58 11.09 19.11
N TYR D 93 -0.93 10.07 19.67
CA TYR D 93 -0.04 10.31 20.82
C TYR D 93 0.98 11.40 20.51
N GLY D 94 1.52 11.40 19.30
CA GLY D 94 2.54 12.38 18.96
C GLY D 94 2.04 13.82 19.07
N ALA D 95 0.79 14.06 18.67
CA ALA D 95 0.22 15.39 18.82
C ALA D 95 0.10 15.79 20.30
N LEU D 96 -0.41 14.89 21.13
CA LEU D 96 -0.50 15.19 22.56
C LEU D 96 0.88 15.45 23.15
N ASP D 97 1.87 14.65 22.77
CA ASP D 97 3.19 14.82 23.36
C ASP D 97 3.80 16.14 22.93
N GLN D 98 3.60 16.55 21.68
CA GLN D 98 4.16 17.83 21.25
C GLN D 98 3.44 19.02 21.88
N LEU D 99 2.19 18.83 22.30
CA LEU D 99 1.50 19.84 23.09
C LEU D 99 1.93 19.85 24.55
N GLY D 100 2.82 18.95 24.96
CA GLY D 100 3.21 18.87 26.35
C GLY D 100 2.14 18.31 27.25
N ILE D 101 1.22 17.53 26.69
CA ILE D 101 0.05 17.00 27.42
C ILE D 101 0.23 15.51 27.59
N ASP D 102 0.31 15.06 28.84
CA ASP D 102 0.40 13.65 29.20
C ASP D 102 -0.82 12.91 28.66
N ALA D 103 -0.62 12.12 27.60
CA ALA D 103 -1.75 11.46 26.96
C ALA D 103 -2.39 10.43 27.88
N ASP D 104 -1.61 9.84 28.78
CA ASP D 104 -2.18 8.84 29.67
C ASP D 104 -3.14 9.50 30.67
N ALA D 105 -2.80 10.68 31.17
CA ALA D 105 -3.69 11.38 32.09
C ALA D 105 -5.01 11.74 31.40
N VAL D 106 -4.94 12.24 30.17
CA VAL D 106 -6.14 12.58 29.44
C VAL D 106 -6.95 11.33 29.11
N PHE D 107 -6.28 10.30 28.61
CA PHE D 107 -6.97 9.06 28.29
C PHE D 107 -7.63 8.47 29.53
N ALA D 108 -6.91 8.46 30.66
CA ALA D 108 -7.50 7.91 31.89
C ALA D 108 -8.81 8.59 32.24
N GLU D 109 -8.93 9.90 31.96
CA GLU D 109 -10.15 10.62 32.28
C GLU D 109 -11.27 10.30 31.28
N VAL D 110 -10.93 10.20 29.99
CA VAL D 110 -11.92 9.79 29.00
C VAL D 110 -12.40 8.36 29.29
N HIS D 111 -11.47 7.48 29.65
CA HIS D 111 -11.83 6.11 30.00
C HIS D 111 -12.70 6.09 31.26
N ARG D 112 -12.37 6.90 32.26
CA ARG D 112 -13.21 6.95 33.45
C ARG D 112 -14.65 7.30 33.10
N ALA D 113 -14.85 8.35 32.28
CA ALA D 113 -16.19 8.75 31.88
C ALA D 113 -16.87 7.68 31.03
N ASN D 114 -16.15 7.06 30.09
CA ASN D 114 -16.76 6.03 29.26
C ASN D 114 -17.12 4.80 30.08
N LEU D 115 -16.18 4.32 30.89
CA LEU D 115 -16.46 3.17 31.75
C LEU D 115 -17.59 3.48 32.72
N SER D 116 -17.64 4.72 33.22
CA SER D 116 -18.72 5.12 34.11
C SER D 116 -20.06 5.10 33.39
N LYS D 117 -20.09 5.62 32.16
CA LYS D 117 -21.34 5.65 31.40
C LYS D 117 -21.86 4.24 31.13
N ALA D 118 -20.98 3.25 31.10
CA ALA D 118 -21.42 1.88 30.88
C ALA D 118 -22.22 1.31 32.04
N SER D 119 -22.19 1.96 33.21
CA SER D 119 -22.97 1.51 34.37
C SER D 119 -24.45 1.86 34.27
N GLY D 120 -24.90 2.50 33.20
CA GLY D 120 -26.31 2.81 33.02
C GLY D 120 -27.15 1.63 32.56
N GLN D 128 -27.22 3.04 25.33
CA GLN D 128 -26.62 3.16 26.66
C GLN D 128 -27.04 4.45 27.34
N LEU D 129 -27.64 4.30 28.53
CA LEU D 129 -28.08 5.44 29.33
C LEU D 129 -27.02 5.79 30.37
N LYS D 130 -27.13 7.00 30.90
CA LYS D 130 -26.08 7.38 31.82
C LYS D 130 -26.49 7.13 33.26
N PRO D 131 -25.54 6.77 34.13
CA PRO D 131 -25.88 6.46 35.51
C PRO D 131 -26.13 7.72 36.34
N GLU D 132 -26.77 7.51 37.49
CA GLU D 132 -27.06 8.61 38.39
C GLU D 132 -25.77 9.27 38.87
N GLY D 133 -25.63 10.56 38.59
CA GLY D 133 -24.43 11.26 38.99
C GLY D 133 -23.27 11.14 38.01
N TRP D 134 -23.54 10.76 36.77
CA TRP D 134 -22.49 10.67 35.76
C TRP D 134 -21.84 12.03 35.57
N ARG D 135 -20.52 12.05 35.49
CA ARG D 135 -19.83 13.28 35.13
C ARG D 135 -19.02 13.05 33.86
N PRO D 136 -19.19 13.91 32.85
CA PRO D 136 -18.44 13.74 31.60
C PRO D 136 -16.95 13.92 31.84
N ALA D 137 -16.17 13.58 30.81
CA ALA D 137 -14.73 13.78 30.90
C ALA D 137 -14.42 15.26 31.10
N ASP D 138 -13.59 15.57 32.08
CA ASP D 138 -13.17 16.93 32.39
C ASP D 138 -11.69 17.05 32.04
N VAL D 139 -11.42 17.28 30.76
CA VAL D 139 -10.04 17.35 30.29
C VAL D 139 -9.40 18.69 30.68
N ARG D 140 -10.20 19.74 30.84
CA ARG D 140 -9.67 21.00 31.36
C ARG D 140 -9.05 20.79 32.74
N GLY D 141 -9.70 20.02 33.61
CA GLY D 141 -9.13 19.76 34.91
C GLY D 141 -7.88 18.91 34.85
N VAL D 142 -7.81 17.97 33.92
CA VAL D 142 -6.61 17.17 33.73
C VAL D 142 -5.44 18.07 33.34
N ILE D 143 -5.68 18.98 32.40
CA ILE D 143 -4.61 19.89 31.97
C ILE D 143 -4.15 20.78 33.13
N GLU D 144 -5.08 21.23 33.97
CA GLU D 144 -4.70 22.07 35.10
C GLU D 144 -3.83 21.31 36.08
N ARG D 145 -4.19 20.08 36.42
CA ARG D 145 -3.35 19.29 37.33
C ARG D 145 -2.00 18.95 36.69
N LEU D 146 -1.95 18.84 35.37
CA LEU D 146 -0.68 18.57 34.71
C LEU D 146 0.28 19.74 34.87
N GLN D 147 -0.23 20.98 34.81
CA GLN D 147 0.61 22.15 34.98
C GLN D 147 1.18 22.25 36.40
N HIS D 148 0.50 21.67 37.38
CA HIS D 148 0.88 21.81 38.78
C HIS D 148 1.49 20.54 39.36
N ALA D 149 1.63 19.48 38.58
CA ALA D 149 2.22 18.25 39.08
C ALA D 149 3.70 18.45 39.38
N PRO D 150 4.27 17.62 40.26
CA PRO D 150 5.71 17.71 40.53
C PRO D 150 6.54 17.42 39.28
N ALA D 151 7.72 18.01 39.25
CA ALA D 151 8.63 17.90 38.10
C ALA D 151 9.13 16.47 37.89
O4 DUP E . -4.22 -15.80 -10.28
C4 DUP E . -3.26 -15.07 -10.19
C5 DUP E . -2.88 -14.52 -9.00
C6 DUP E . -1.79 -13.70 -8.94
N3 DUP E . -2.56 -14.78 -11.29
C2 DUP E . -1.48 -13.97 -11.23
O2 DUP E . -0.85 -13.70 -12.21
N1 DUP E . -1.12 -13.41 -10.05
C1' DUP E . 0.06 -12.58 -10.04
C2' DUP E . -0.11 -11.34 -10.53
C3' DUP E . 0.82 -10.39 -9.61
O3' DUP E . 2.15 -10.44 -10.07
O4' DUP E . 0.45 -12.41 -8.53
C4' DUP E . 0.72 -10.92 -8.33
C5' DUP E . -0.43 -10.31 -7.56
O5' DUP E . -0.76 -11.11 -6.46
PA DUP E . -1.81 -10.47 -5.38
O1A DUP E . -3.08 -10.11 -6.11
O2A DUP E . -2.02 -11.46 -4.26
N3A DUP E . -1.24 -8.96 -4.85
PB DUP E . -0.16 -8.82 -3.57
O1B DUP E . 0.90 -9.90 -3.70
O2B DUP E . 0.45 -7.43 -3.59
O3B DUP E . -1.06 -9.04 -2.22
PG DUP E . -1.20 -7.92 -1.03
O2G DUP E . -2.46 -8.23 -0.25
O1G DUP E . -1.28 -6.53 -1.59
O3G DUP E . 0.03 -8.06 -0.16
O4 DUP F . 7.52 13.12 11.96
C4 DUP F . 7.14 11.98 12.09
C5 DUP F . 7.35 11.06 11.10
C6 DUP F . 6.90 9.77 11.30
N3 DUP F . 6.48 11.64 13.19
C2 DUP F . 6.04 10.37 13.36
O2 DUP F . 5.44 10.03 14.36
N1 DUP F . 6.24 9.45 12.41
C1' DUP F . 5.77 8.10 12.67
C2' DUP F . 4.44 7.91 12.56
C3' DUP F . 4.29 6.43 11.92
O3' DUP F . 4.42 5.48 12.95
O4' DUP F . 6.45 7.18 11.59
C4' DUP F . 5.32 6.33 11.02
C5' DUP F . 4.94 6.91 9.68
O5' DUP F . 6.11 7.02 8.91
PA DUP F . 5.90 7.30 7.31
O1A DUP F . 7.26 7.48 6.69
O2A DUP F . 5.01 8.49 7.12
N3A DUP F . 4.97 6.02 6.71
PB DUP F . 5.62 4.60 6.06
O1B DUP F . 4.52 3.57 5.84
O2B DUP F . 6.70 4.05 6.96
O3B DUP F . 6.24 5.04 4.61
PG DUP F . 5.75 4.35 3.21
O2G DUP F . 6.18 2.91 3.25
O1G DUP F . 6.41 5.10 2.07
O3G DUP F . 4.24 4.44 3.04
MG MG G . -0.94 -5.56 -3.06
MG MG H . 3.25 3.22 4.16
#